data_4NED
#
_entry.id   4NED
#
_cell.length_a   62.470
_cell.length_b   50.070
_cell.length_c   65.490
_cell.angle_alpha   90.00
_cell.angle_beta   107.32
_cell.angle_gamma   90.00
#
_symmetry.space_group_name_H-M   'P 1 21 1'
#
loop_
_entity.id
_entity.type
_entity.pdbx_description
1 polymer Lactotransferrin
2 branched 2-acetamido-2-deoxy-beta-D-glucopyranose-(1-4)-2-acetamido-2-deoxy-beta-D-glucopyranose
3 non-polymer 'ZINC ION'
4 non-polymer 'FE (III) ION'
5 non-polymer 'CARBONATE ION'
6 non-polymer 'SULFATE ION'
7 non-polymer 2-acetamido-2-deoxy-beta-D-glucopyranose
8 non-polymer FENOPROFEN
9 water water
#
_entity_poly.entity_id   1
_entity_poly.type   'polypeptide(L)'
_entity_poly.pdbx_seq_one_letter_code
;YTRVVWCAVGPEEQKKCQQWSQQSGQNVTCATASTTDDCIVLVLKGEADALNLDGGYIYTAGKCGLVPVLAENRKSSKHS
SLDCVLRPTEGYLAVAVVKKANEGLTWNSLKDKKSCHTAVDRTAGWNIPMGLIVNQTGSCAFDEFFSQSCAPGADPKSRL
CALCAGDDQGLDKCVPNSKEKYYGYTGAFRCLAEDVGDVAFVKNDTVWENTNGESTADWAKNLKREDFRLLCLDGTRKPV
TEAQSCHLAVAPNHAVVSRSDRAAHVEQVLLHQQALFGKNGKNCPDKFCLFKSETKNLLFNDNTECLAKLGGRPTYEEYL
GTEYVTAIANLKKCSTSPLLEACAF
;
_entity_poly.pdbx_strand_id   A
#
loop_
_chem_comp.id
_chem_comp.type
_chem_comp.name
_chem_comp.formula
CO3 non-polymer 'CARBONATE ION' 'C O3 -2'
FE non-polymer 'FE (III) ION' 'Fe 3'
NAG D-saccharide, beta linking 2-acetamido-2-deoxy-beta-D-glucopyranose 'C8 H15 N O6'
PFN non-polymer FENOPROFEN 'C15 H14 O3'
SO4 non-polymer 'SULFATE ION' 'O4 S -2'
ZN non-polymer 'ZINC ION' 'Zn 2'
#
# COMPACT_ATOMS: atom_id res chain seq x y z
N TYR A 1 10.41 18.43 -23.31
CA TYR A 1 9.16 18.97 -22.68
C TYR A 1 8.26 17.84 -22.11
N THR A 2 8.81 16.62 -22.05
CA THR A 2 8.27 15.60 -21.15
C THR A 2 9.24 15.48 -19.97
N ARG A 3 9.09 16.42 -19.05
CA ARG A 3 9.66 16.30 -17.73
C ARG A 3 8.50 16.03 -16.73
N VAL A 4 8.68 15.04 -15.87
CA VAL A 4 7.61 14.62 -14.98
C VAL A 4 7.98 15.04 -13.55
N VAL A 5 7.05 15.69 -12.86
CA VAL A 5 7.19 15.99 -11.44
C VAL A 5 6.50 14.87 -10.65
N TRP A 6 7.31 14.10 -9.96
CA TRP A 6 6.83 12.99 -9.11
C TRP A 6 6.38 13.62 -7.78
N CYS A 7 5.32 13.09 -7.18
CA CYS A 7 5.02 13.44 -5.82
C CYS A 7 5.48 12.37 -4.78
N ALA A 8 6.47 12.77 -3.98
CA ALA A 8 7.01 12.05 -2.82
C ALA A 8 6.17 12.31 -1.59
N VAL A 9 5.78 11.26 -0.88
CA VAL A 9 5.01 11.41 0.33
C VAL A 9 5.99 11.23 1.54
N GLY A 10 6.31 12.36 2.21
CA GLY A 10 7.16 12.40 3.39
C GLY A 10 8.62 12.42 3.00
N PRO A 11 9.53 12.65 3.99
CA PRO A 11 10.96 12.97 3.68
C PRO A 11 11.84 11.82 3.21
N GLU A 12 11.47 10.59 3.52
CA GLU A 12 12.27 9.48 3.05
C GLU A 12 11.98 9.20 1.56
N GLU A 13 10.70 9.23 1.19
CA GLU A 13 10.31 9.23 -0.25
C GLU A 13 10.97 10.35 -1.02
N GLN A 14 10.93 11.53 -0.44
CA GLN A 14 11.55 12.73 -1.02
C GLN A 14 13.02 12.48 -1.30
N LYS A 15 13.70 11.87 -0.34
CA LYS A 15 15.14 11.58 -0.51
C LYS A 15 15.35 10.60 -1.67
N LYS A 16 14.60 9.49 -1.69
CA LYS A 16 14.72 8.55 -2.81
C LYS A 16 14.45 9.25 -4.16
N CYS A 17 13.40 10.06 -4.21
CA CYS A 17 13.00 10.78 -5.40
C CYS A 17 14.11 11.70 -5.93
N GLN A 18 14.83 12.37 -5.00
CA GLN A 18 15.92 13.30 -5.38
C GLN A 18 17.07 12.51 -5.99
N GLN A 19 17.30 11.31 -5.48
CA GLN A 19 18.32 10.49 -6.05
C GLN A 19 17.87 10.06 -7.47
N TRP A 20 16.62 9.64 -7.60
CA TRP A 20 16.00 9.36 -8.90
C TRP A 20 16.11 10.57 -9.85
N SER A 21 15.76 11.75 -9.34
CA SER A 21 15.78 12.99 -10.13
C SER A 21 17.17 13.28 -10.68
N GLN A 22 18.14 13.38 -9.79
CA GLN A 22 19.53 13.54 -10.15
C GLN A 22 20.05 12.48 -11.14
N GLN A 23 19.78 11.20 -10.87
CA GLN A 23 20.15 10.11 -11.77
C GLN A 23 19.47 10.14 -13.16
N SER A 24 18.32 10.82 -13.26
CA SER A 24 17.60 10.92 -14.50
C SER A 24 18.00 12.16 -15.33
N GLY A 25 18.91 12.98 -14.82
CA GLY A 25 19.34 14.16 -15.57
C GLY A 25 18.18 15.13 -15.60
N GLN A 26 17.28 14.95 -14.64
CA GLN A 26 16.18 15.86 -14.35
C GLN A 26 15.04 15.64 -15.29
N ASN A 27 14.98 14.47 -15.92
CA ASN A 27 13.76 14.08 -16.64
C ASN A 27 12.55 13.89 -15.68
N VAL A 28 12.87 13.47 -14.46
CA VAL A 28 11.94 13.41 -13.33
C VAL A 28 12.50 14.39 -12.33
N THR A 29 11.62 15.24 -11.82
CA THR A 29 11.90 16.03 -10.63
C THR A 29 10.78 15.74 -9.60
N CYS A 30 10.83 16.40 -8.43
CA CYS A 30 10.14 15.98 -7.20
C CYS A 30 9.36 17.08 -6.52
N ALA A 31 8.11 16.83 -6.18
CA ALA A 31 7.39 17.68 -5.28
C ALA A 31 7.23 16.80 -4.03
N THR A 32 7.16 17.40 -2.84
CA THR A 32 6.98 16.58 -1.65
C THR A 32 5.79 17.04 -0.87
N ALA A 33 5.09 16.10 -0.25
CA ALA A 33 4.01 16.44 0.60
C ALA A 33 4.00 15.47 1.79
N SER A 34 3.18 15.77 2.79
CA SER A 34 3.17 15.00 4.01
C SER A 34 2.19 13.83 4.02
N THR A 35 1.14 13.88 3.21
CA THR A 35 0.24 12.76 3.13
C THR A 35 -0.08 12.51 1.68
N THR A 36 -0.63 11.30 1.43
CA THR A 36 -1.01 10.94 0.10
C THR A 36 -2.10 11.89 -0.43
N ASP A 37 -3.08 12.20 0.41
CA ASP A 37 -4.11 13.18 0.09
C ASP A 37 -3.51 14.54 -0.37
N ASP A 38 -2.47 15.01 0.31
CA ASP A 38 -1.89 16.22 -0.15
C ASP A 38 -1.20 16.06 -1.48
N CYS A 39 -0.56 14.92 -1.71
CA CYS A 39 0.03 14.70 -3.01
C CYS A 39 -1.04 14.68 -4.13
N ILE A 40 -2.18 14.04 -3.90
CA ILE A 40 -3.26 14.03 -4.87
C ILE A 40 -3.64 15.50 -5.23
N VAL A 41 -3.85 16.33 -4.19
CA VAL A 41 -4.14 17.76 -4.36
C VAL A 41 -3.07 18.47 -5.17
N LEU A 42 -1.79 18.22 -4.93
CA LEU A 42 -0.80 18.82 -5.76
C LEU A 42 -1.02 18.45 -7.25
N VAL A 43 -1.44 17.22 -7.47
CA VAL A 43 -1.52 16.73 -8.86
C VAL A 43 -2.70 17.41 -9.48
N LEU A 44 -3.81 17.41 -8.74
CA LEU A 44 -4.99 18.21 -9.13
C LEU A 44 -4.71 19.65 -9.53
N LYS A 45 -3.92 20.32 -8.74
CA LYS A 45 -3.53 21.66 -9.08
C LYS A 45 -2.58 21.80 -10.24
N GLY A 46 -1.87 20.72 -10.64
CA GLY A 46 -0.87 20.76 -11.74
C GLY A 46 0.54 21.06 -11.23
N GLU A 47 0.71 21.01 -9.91
CA GLU A 47 2.00 21.29 -9.29
C GLU A 47 2.85 20.03 -9.22
N ALA A 48 2.20 18.84 -9.31
CA ALA A 48 2.88 17.59 -9.55
C ALA A 48 2.12 16.85 -10.66
N ASP A 49 2.83 15.92 -11.27
CA ASP A 49 2.28 15.08 -12.38
C ASP A 49 1.71 13.70 -12.02
N ALA A 50 2.35 13.04 -11.06
CA ALA A 50 2.13 11.61 -10.89
C ALA A 50 2.64 11.10 -9.54
N LEU A 51 2.01 10.02 -9.09
CA LEU A 51 2.54 9.15 -8.07
C LEU A 51 1.82 7.79 -8.10
N ASN A 52 2.45 6.85 -7.39
CA ASN A 52 1.98 5.46 -7.29
C ASN A 52 1.07 5.39 -6.08
N LEU A 53 -0.05 4.73 -6.22
CA LEU A 53 -1.06 4.78 -5.23
C LEU A 53 -1.57 3.37 -4.89
N ASP A 54 -1.93 3.17 -3.61
CA ASP A 54 -2.71 2.03 -3.25
C ASP A 54 -4.05 2.11 -3.88
N GLY A 55 -4.77 0.99 -4.00
CA GLY A 55 -6.14 1.01 -4.47
C GLY A 55 -7.18 1.92 -3.83
N GLY A 56 -7.24 2.01 -2.47
CA GLY A 56 -8.12 2.95 -1.75
C GLY A 56 -7.78 4.40 -2.15
N TYR A 57 -6.50 4.67 -2.36
CA TYR A 57 -6.14 6.00 -2.80
C TYR A 57 -6.54 6.23 -4.27
N ILE A 58 -6.50 5.19 -5.09
CA ILE A 58 -6.96 5.37 -6.48
C ILE A 58 -8.43 5.78 -6.54
N TYR A 59 -9.21 5.29 -5.61
CA TYR A 59 -10.60 5.65 -5.58
C TYR A 59 -10.83 7.13 -5.32
N THR A 60 -10.32 7.67 -4.20
CA THR A 60 -10.27 9.09 -3.91
C THR A 60 -9.74 9.91 -5.11
N ALA A 61 -8.61 9.49 -5.67
CA ALA A 61 -8.03 10.22 -6.77
C ALA A 61 -8.98 10.19 -7.96
N GLY A 62 -9.77 9.12 -8.11
CA GLY A 62 -10.52 8.92 -9.36
C GLY A 62 -11.78 9.73 -9.31
N LYS A 63 -12.40 9.83 -8.13
CA LYS A 63 -13.51 10.75 -8.03
C LYS A 63 -13.09 12.19 -8.31
N CYS A 64 -11.83 12.50 -8.11
CA CYS A 64 -11.31 13.84 -8.42
C CYS A 64 -10.86 13.93 -9.85
N GLY A 65 -11.06 12.85 -10.60
CA GLY A 65 -10.79 12.92 -12.03
C GLY A 65 -9.39 12.52 -12.41
N LEU A 66 -8.60 11.96 -11.49
CA LEU A 66 -7.30 11.42 -11.94
C LEU A 66 -7.38 9.98 -12.53
N VAL A 67 -6.38 9.54 -13.24
CA VAL A 67 -6.49 8.27 -13.93
C VAL A 67 -5.28 7.42 -13.70
N PRO A 68 -5.48 6.11 -13.68
CA PRO A 68 -4.42 5.11 -13.60
C PRO A 68 -3.66 5.14 -14.91
N VAL A 69 -2.36 4.93 -14.85
CA VAL A 69 -1.46 5.07 -15.98
C VAL A 69 -0.66 3.76 -16.28
N LEU A 70 -0.09 3.15 -15.25
CA LEU A 70 0.68 1.92 -15.33
C LEU A 70 0.41 1.28 -13.96
N ALA A 71 0.44 -0.05 -13.90
CA ALA A 71 0.24 -0.78 -12.67
C ALA A 71 1.54 -1.41 -12.22
N GLU A 72 1.80 -1.45 -10.93
CA GLU A 72 2.86 -2.30 -10.40
C GLU A 72 2.60 -3.79 -10.76
N ASN A 73 3.64 -4.48 -11.20
CA ASN A 73 3.49 -5.88 -11.53
C ASN A 73 4.65 -6.65 -10.86
N ARG A 74 4.32 -7.66 -10.05
CA ARG A 74 5.35 -8.42 -9.30
C ARG A 74 5.56 -9.76 -9.98
N LYS A 75 6.14 -10.70 -9.24
CA LYS A 75 6.43 -12.09 -9.69
C LYS A 75 5.18 -12.96 -10.09
N SER A 76 5.19 -13.52 -11.31
CA SER A 76 4.00 -14.17 -11.87
C SER A 76 4.17 -15.69 -12.13
N SER A 77 3.04 -16.36 -12.28
CA SER A 77 3.01 -17.82 -12.48
C SER A 77 2.67 -18.21 -13.93
N LYS A 78 1.37 -18.34 -14.25
CA LYS A 78 0.90 -18.58 -15.64
C LYS A 78 1.10 -17.35 -16.54
N HIS A 79 1.39 -17.59 -17.83
CA HIS A 79 1.75 -16.57 -18.87
C HIS A 79 3.17 -15.96 -18.72
N SER A 80 4.10 -16.71 -18.10
CA SER A 80 5.41 -16.16 -17.67
C SER A 80 6.46 -15.97 -18.80
N SER A 81 6.12 -16.43 -20.01
CA SER A 81 6.92 -16.12 -21.20
C SER A 81 6.76 -14.61 -21.52
N LEU A 82 5.50 -14.18 -21.58
CA LEU A 82 5.08 -12.79 -21.85
C LEU A 82 5.75 -11.78 -20.91
N ASP A 83 6.31 -10.73 -21.50
CA ASP A 83 7.17 -9.77 -20.78
C ASP A 83 6.36 -8.89 -19.81
N CYS A 84 6.95 -8.71 -18.63
CA CYS A 84 6.35 -7.97 -17.50
C CYS A 84 5.48 -6.76 -17.87
N VAL A 85 6.00 -5.88 -18.73
CA VAL A 85 5.31 -4.68 -19.16
C VAL A 85 3.96 -4.99 -19.83
N LEU A 86 3.87 -6.19 -20.43
CA LEU A 86 2.67 -6.57 -21.22
C LEU A 86 1.75 -7.47 -20.45
N ARG A 87 2.35 -8.26 -19.58
CA ARG A 87 1.64 -9.24 -18.74
C ARG A 87 0.56 -8.59 -17.90
N PRO A 88 -0.65 -9.17 -17.90
CA PRO A 88 -1.67 -8.57 -17.02
C PRO A 88 -1.27 -8.69 -15.53
N THR A 89 -1.93 -7.92 -14.67
CA THR A 89 -1.64 -7.94 -13.24
C THR A 89 -2.70 -8.76 -12.53
N GLU A 90 -2.36 -9.34 -11.39
CA GLU A 90 -3.32 -10.22 -10.73
C GLU A 90 -3.99 -9.69 -9.45
N GLY A 91 -3.41 -8.68 -8.82
CA GLY A 91 -3.90 -8.27 -7.53
C GLY A 91 -3.07 -8.92 -6.43
N TYR A 92 -3.28 -8.49 -5.21
CA TYR A 92 -2.53 -9.09 -4.16
C TYR A 92 -3.53 -9.56 -3.16
N LEU A 93 -3.07 -10.37 -2.20
CA LEU A 93 -4.00 -10.99 -1.27
C LEU A 93 -3.96 -10.18 -0.02
N ALA A 94 -5.08 -9.56 0.35
CA ALA A 94 -5.24 -8.97 1.63
C ALA A 94 -5.41 -10.06 2.71
N VAL A 95 -4.55 -10.05 3.73
CA VAL A 95 -4.64 -11.01 4.84
C VAL A 95 -4.66 -10.31 6.22
N ALA A 96 -5.17 -11.03 7.23
CA ALA A 96 -5.02 -10.65 8.62
C ALA A 96 -4.06 -11.64 9.32
N VAL A 97 -2.92 -11.13 9.81
CA VAL A 97 -1.83 -11.93 10.36
C VAL A 97 -1.87 -11.82 11.90
N VAL A 98 -1.62 -12.96 12.59
CA VAL A 98 -1.44 -12.98 14.06
C VAL A 98 -0.21 -13.75 14.45
N LYS A 99 0.16 -13.65 15.74
CA LYS A 99 1.24 -14.52 16.29
C LYS A 99 0.68 -15.92 16.52
N LYS A 100 1.46 -16.95 16.18
CA LYS A 100 0.98 -18.31 16.56
C LYS A 100 0.68 -18.39 18.06
N ALA A 101 1.64 -17.94 18.88
CA ALA A 101 1.54 -17.98 20.36
C ALA A 101 0.19 -17.48 20.86
N ASN A 102 -0.33 -16.43 20.24
CA ASN A 102 -1.64 -15.91 20.59
C ASN A 102 -2.70 -16.92 20.20
N GLU A 103 -2.89 -17.95 21.04
CA GLU A 103 -3.79 -19.05 20.64
C GLU A 103 -5.24 -18.66 20.78
N GLY A 104 -6.08 -19.28 19.97
CA GLY A 104 -7.53 -19.01 20.07
C GLY A 104 -8.06 -17.69 19.51
N LEU A 105 -7.19 -16.74 19.13
CA LEU A 105 -7.66 -15.51 18.50
C LEU A 105 -7.93 -15.82 17.02
N THR A 106 -9.15 -15.55 16.59
CA THR A 106 -9.61 -15.92 15.26
C THR A 106 -10.32 -14.73 14.71
N TRP A 107 -10.62 -14.80 13.40
CA TRP A 107 -11.48 -13.83 12.78
C TRP A 107 -12.76 -13.56 13.62
N ASN A 108 -13.17 -14.56 14.40
CA ASN A 108 -14.38 -14.47 15.23
C ASN A 108 -14.17 -13.94 16.66
N SER A 109 -12.96 -13.60 17.03
CA SER A 109 -12.72 -13.02 18.36
C SER A 109 -11.82 -11.75 18.30
N LEU A 110 -12.06 -10.90 17.30
CA LEU A 110 -11.21 -9.70 17.11
C LEU A 110 -11.72 -8.50 17.88
N LYS A 111 -12.99 -8.55 18.28
CA LYS A 111 -13.55 -7.46 19.08
C LYS A 111 -12.69 -7.23 20.32
N ASP A 112 -12.51 -5.94 20.65
CA ASP A 112 -11.68 -5.50 21.73
C ASP A 112 -10.22 -5.93 21.68
N LYS A 113 -9.72 -6.45 20.55
CA LYS A 113 -8.25 -6.67 20.46
C LYS A 113 -7.55 -5.39 19.95
N LYS A 114 -6.25 -5.54 19.73
CA LYS A 114 -5.37 -4.47 19.33
C LYS A 114 -4.97 -4.70 17.89
N SER A 115 -5.16 -3.67 17.07
CA SER A 115 -5.03 -3.81 15.57
C SER A 115 -3.98 -2.88 14.95
N CYS A 116 -3.26 -3.42 13.94
CA CYS A 116 -2.21 -2.73 13.14
C CYS A 116 -2.68 -2.64 11.67
N HIS A 117 -2.72 -1.43 11.12
CA HIS A 117 -3.32 -1.14 9.78
C HIS A 117 -2.24 -0.35 9.02
N THR A 118 -2.13 -0.59 7.74
CA THR A 118 -1.18 0.17 6.93
C THR A 118 -1.39 1.68 7.17
N ALA A 119 -2.63 2.13 6.86
CA ALA A 119 -3.14 3.50 6.96
C ALA A 119 -4.62 3.46 6.76
N VAL A 120 -5.36 4.45 7.30
CA VAL A 120 -6.78 4.62 6.99
C VAL A 120 -6.94 4.81 5.46
N ASP A 121 -7.97 4.20 4.90
CA ASP A 121 -8.30 4.21 3.43
C ASP A 121 -7.42 3.43 2.51
N ARG A 122 -6.50 2.66 3.06
CA ARG A 122 -5.71 1.78 2.22
C ARG A 122 -6.43 0.40 2.05
N THR A 123 -6.16 -0.32 0.96
CA THR A 123 -7.00 -1.48 0.65
C THR A 123 -6.89 -2.67 1.68
N ALA A 124 -5.70 -3.29 1.81
CA ALA A 124 -5.47 -4.43 2.70
C ALA A 124 -5.50 -4.04 4.18
N GLY A 125 -5.06 -2.81 4.47
CA GLY A 125 -4.96 -2.33 5.84
C GLY A 125 -6.28 -1.76 6.41
N TRP A 126 -7.15 -1.37 5.50
CA TRP A 126 -8.40 -0.74 6.04
C TRP A 126 -9.71 -1.03 5.31
N ASN A 127 -9.75 -0.68 4.03
CA ASN A 127 -11.03 -0.86 3.33
C ASN A 127 -11.58 -2.28 3.42
N ILE A 128 -10.72 -3.28 3.18
CA ILE A 128 -11.14 -4.66 3.18
C ILE A 128 -11.57 -5.10 4.60
N PRO A 129 -10.68 -4.94 5.57
CA PRO A 129 -11.00 -5.46 6.89
C PRO A 129 -12.08 -4.65 7.61
N MET A 130 -12.05 -3.32 7.52
CA MET A 130 -13.11 -2.57 8.17
C MET A 130 -14.43 -2.74 7.44
N GLY A 131 -14.36 -2.91 6.12
CA GLY A 131 -15.56 -3.14 5.32
C GLY A 131 -16.22 -4.42 5.80
N LEU A 132 -15.40 -5.45 6.01
CA LEU A 132 -15.90 -6.71 6.56
C LEU A 132 -16.53 -6.55 7.94
N ILE A 133 -15.84 -5.85 8.83
CA ILE A 133 -16.23 -5.78 10.23
C ILE A 133 -17.55 -5.00 10.43
N VAL A 134 -17.70 -3.91 9.68
CA VAL A 134 -18.96 -3.15 9.67
C VAL A 134 -20.08 -4.04 9.17
N ASN A 135 -19.85 -4.74 8.06
CA ASN A 135 -20.87 -5.65 7.50
C ASN A 135 -21.20 -6.81 8.43
N GLN A 136 -20.17 -7.29 9.12
CA GLN A 136 -20.32 -8.43 10.04
C GLN A 136 -21.14 -8.02 11.24
N THR A 137 -21.06 -6.74 11.63
CA THR A 137 -21.65 -6.28 12.90
C THR A 137 -22.85 -5.33 12.76
N GLY A 138 -23.37 -5.17 11.54
CA GLY A 138 -24.34 -4.11 11.22
C GLY A 138 -23.97 -2.74 11.75
N SER A 139 -22.75 -2.59 12.29
CA SER A 139 -22.31 -1.40 13.02
C SER A 139 -21.24 -0.54 12.33
N CYS A 140 -21.56 0.73 12.10
CA CYS A 140 -20.63 1.76 11.59
C CYS A 140 -19.66 2.30 12.64
N ALA A 141 -19.73 1.77 13.86
CA ALA A 141 -18.80 2.18 14.93
C ALA A 141 -17.40 1.53 14.79
N PHE A 142 -16.82 1.56 13.60
CA PHE A 142 -15.51 0.92 13.33
C PHE A 142 -14.35 1.42 14.22
N ASP A 143 -14.55 2.56 14.86
CA ASP A 143 -13.54 3.20 15.70
C ASP A 143 -13.68 2.70 17.12
N GLU A 144 -14.68 1.86 17.33
CA GLU A 144 -15.02 1.31 18.63
C GLU A 144 -14.84 -0.22 18.66
N PHE A 145 -14.31 -0.81 17.61
CA PHE A 145 -14.28 -2.26 17.48
C PHE A 145 -13.03 -2.86 18.09
N PHE A 146 -11.89 -2.23 17.81
CA PHE A 146 -10.67 -2.62 18.46
C PHE A 146 -10.52 -1.78 19.71
N SER A 147 -9.82 -2.30 20.72
CA SER A 147 -9.57 -1.50 21.91
C SER A 147 -8.60 -0.35 21.61
N GLN A 148 -7.54 -0.66 20.88
CA GLN A 148 -6.56 0.33 20.43
C GLN A 148 -6.04 -0.11 19.05
N SER A 149 -5.45 0.81 18.29
CA SER A 149 -4.92 0.49 16.96
C SER A 149 -3.79 1.41 16.62
N CYS A 150 -2.98 1.02 15.64
CA CYS A 150 -2.23 2.01 14.94
C CYS A 150 -2.88 2.04 13.53
N ALA A 151 -3.65 3.09 13.24
CA ALA A 151 -4.30 3.31 11.90
C ALA A 151 -3.80 4.71 11.40
N PRO A 152 -2.58 4.76 10.86
CA PRO A 152 -2.08 6.07 10.38
C PRO A 152 -3.13 6.90 9.55
N GLY A 153 -3.27 8.19 9.90
CA GLY A 153 -4.22 9.08 9.23
C GLY A 153 -5.48 9.30 10.02
N ALA A 154 -5.64 8.60 11.14
CA ALA A 154 -6.80 8.79 12.02
C ALA A 154 -6.42 9.89 13.01
N ASP A 155 -7.40 10.39 13.76
CA ASP A 155 -7.17 11.40 14.79
C ASP A 155 -6.16 10.85 15.82
N PRO A 156 -4.99 11.47 15.91
CA PRO A 156 -3.91 11.12 16.81
C PRO A 156 -4.25 10.96 18.32
N LYS A 157 -5.33 11.52 18.77
CA LYS A 157 -5.66 11.38 20.15
C LYS A 157 -6.79 10.35 20.32
N SER A 158 -7.20 9.71 19.21
CA SER A 158 -8.25 8.68 19.28
C SER A 158 -7.57 7.38 19.54
N ARG A 159 -8.36 6.37 19.88
CA ARG A 159 -7.89 5.00 20.03
C ARG A 159 -7.35 4.36 18.75
N LEU A 160 -7.84 4.84 17.60
CA LEU A 160 -7.26 4.43 16.33
C LEU A 160 -5.79 4.81 16.18
N CYS A 161 -5.25 5.77 16.95
CA CYS A 161 -3.79 6.06 16.90
C CYS A 161 -2.92 5.65 18.11
N ALA A 162 -3.53 4.97 19.08
CA ALA A 162 -2.90 4.79 20.38
C ALA A 162 -1.66 3.94 20.34
N LEU A 163 -1.56 3.08 19.33
CA LEU A 163 -0.44 2.19 19.23
C LEU A 163 0.61 2.75 18.33
N CYS A 164 0.28 3.78 17.56
CA CYS A 164 1.29 4.38 16.68
C CYS A 164 2.43 4.96 17.47
N ALA A 165 3.62 4.89 16.88
CA ALA A 165 4.80 5.21 17.60
C ALA A 165 5.44 6.53 17.13
N GLY A 166 5.11 7.07 15.97
CA GLY A 166 5.79 8.28 15.58
C GLY A 166 7.21 7.96 15.15
N ASP A 167 8.03 9.00 14.97
CA ASP A 167 9.35 8.88 14.43
C ASP A 167 10.45 8.57 15.46
N ASP A 168 11.74 8.62 15.04
CA ASP A 168 12.90 8.29 15.89
C ASP A 168 12.86 9.05 17.17
N GLN A 169 12.30 10.26 17.13
CA GLN A 169 12.10 11.16 18.28
C GLN A 169 10.77 11.11 18.98
N GLY A 170 9.80 10.35 18.46
CA GLY A 170 8.41 10.39 19.03
C GLY A 170 7.51 11.50 18.45
N LEU A 171 7.97 12.18 17.40
CA LEU A 171 7.17 13.20 16.74
C LEU A 171 6.34 12.49 15.67
N ASP A 172 5.27 13.11 15.20
CA ASP A 172 4.50 12.70 14.00
C ASP A 172 3.77 11.39 14.25
N LYS A 173 3.44 11.13 15.51
CA LYS A 173 2.70 9.95 15.82
C LYS A 173 1.48 9.89 14.93
N CYS A 174 1.35 8.76 14.24
CA CYS A 174 0.16 8.47 13.44
C CYS A 174 0.07 9.26 12.13
N VAL A 175 1.13 9.91 11.68
CA VAL A 175 1.10 10.54 10.36
C VAL A 175 1.18 9.44 9.29
N PRO A 176 0.51 9.65 8.15
CA PRO A 176 0.45 8.56 7.15
C PRO A 176 1.54 8.69 6.12
N ASN A 177 2.77 8.56 6.59
CA ASN A 177 3.91 8.50 5.72
C ASN A 177 4.91 7.71 6.49
N SER A 178 6.01 7.36 5.84
CA SER A 178 6.91 6.44 6.43
C SER A 178 7.74 6.98 7.61
N LYS A 179 7.45 8.19 8.11
CA LYS A 179 8.05 8.62 9.37
C LYS A 179 7.39 7.92 10.56
N GLU A 180 6.12 7.51 10.36
CA GLU A 180 5.41 6.74 11.35
C GLU A 180 6.03 5.35 11.31
N LYS A 181 6.70 4.98 12.40
CA LYS A 181 7.31 3.65 12.53
C LYS A 181 6.40 2.46 12.11
N TYR A 182 5.09 2.56 12.42
CA TYR A 182 4.17 1.49 12.12
C TYR A 182 3.29 1.78 10.85
N TYR A 183 3.78 2.63 9.97
CA TYR A 183 3.01 3.05 8.80
C TYR A 183 3.17 1.98 7.71
N GLY A 184 2.12 1.77 6.91
CA GLY A 184 2.38 0.98 5.69
C GLY A 184 2.42 -0.54 5.92
N TYR A 185 2.69 -1.31 4.84
CA TYR A 185 2.71 -2.78 5.00
C TYR A 185 3.75 -3.15 6.09
N THR A 186 4.96 -2.63 5.92
CA THR A 186 6.13 -3.07 6.68
C THR A 186 5.98 -2.62 8.16
N GLY A 187 5.56 -1.37 8.34
CA GLY A 187 5.12 -0.81 9.66
C GLY A 187 4.03 -1.57 10.41
N ALA A 188 2.94 -1.89 9.71
CA ALA A 188 1.85 -2.58 10.38
C ALA A 188 2.30 -4.03 10.70
N PHE A 189 3.10 -4.66 9.83
CA PHE A 189 3.63 -5.98 10.18
C PHE A 189 4.64 -5.90 11.40
N ARG A 190 5.45 -4.83 11.43
CA ARG A 190 6.27 -4.51 12.62
C ARG A 190 5.48 -4.37 13.90
N CYS A 191 4.44 -3.55 13.89
CA CYS A 191 3.52 -3.41 14.98
C CYS A 191 3.12 -4.81 15.55
N LEU A 192 2.86 -5.76 14.66
CA LEU A 192 2.42 -7.07 15.10
C LEU A 192 3.64 -7.79 15.66
N ALA A 193 4.76 -7.72 14.97
CA ALA A 193 5.91 -8.55 15.26
C ALA A 193 6.53 -8.20 16.63
N GLU A 194 6.36 -6.94 17.07
CA GLU A 194 6.95 -6.50 18.31
C GLU A 194 5.83 -6.69 19.32
N ASP A 195 4.76 -7.34 18.91
CA ASP A 195 3.60 -7.50 19.80
C ASP A 195 2.95 -6.26 20.34
N VAL A 196 3.09 -5.13 19.65
CA VAL A 196 2.27 -3.97 19.97
C VAL A 196 0.79 -4.25 19.71
N GLY A 197 0.45 -4.89 18.58
CA GLY A 197 -0.99 -5.18 18.33
C GLY A 197 -1.14 -6.69 18.29
N ASP A 198 -2.38 -7.17 18.34
CA ASP A 198 -2.73 -8.59 18.17
C ASP A 198 -2.92 -9.05 16.72
N VAL A 199 -3.28 -8.14 15.79
CA VAL A 199 -3.45 -8.49 14.38
C VAL A 199 -2.94 -7.30 13.49
N ALA A 200 -2.39 -7.64 12.34
CA ALA A 200 -2.01 -6.67 11.37
C ALA A 200 -2.79 -7.03 10.07
N PHE A 201 -3.31 -5.99 9.41
CA PHE A 201 -4.06 -6.13 8.18
C PHE A 201 -3.08 -5.67 7.09
N VAL A 202 -2.55 -6.63 6.38
CA VAL A 202 -1.46 -6.41 5.41
C VAL A 202 -1.75 -7.26 4.21
N LYS A 203 -0.80 -7.43 3.33
CA LYS A 203 -0.95 -8.34 2.22
C LYS A 203 -0.05 -9.53 2.41
N ASN A 204 -0.34 -10.58 1.64
CA ASN A 204 0.34 -11.85 1.83
C ASN A 204 1.82 -11.71 1.71
N ASP A 205 2.28 -10.89 0.77
CA ASP A 205 3.71 -10.79 0.47
C ASP A 205 4.56 -10.18 1.59
N THR A 206 3.93 -9.33 2.40
CA THR A 206 4.64 -8.63 3.47
C THR A 206 5.15 -9.66 4.50
N VAL A 207 4.32 -10.62 4.83
CA VAL A 207 4.71 -11.62 5.80
C VAL A 207 5.98 -12.34 5.33
N TRP A 208 5.99 -12.82 4.08
CA TRP A 208 7.17 -13.51 3.53
C TRP A 208 8.45 -12.69 3.47
N GLU A 209 8.33 -11.42 3.07
CA GLU A 209 9.50 -10.59 2.84
C GLU A 209 10.03 -10.02 4.12
N ASN A 210 9.34 -10.30 5.24
CA ASN A 210 9.86 -9.85 6.51
C ASN A 210 10.17 -10.96 7.53
N THR A 211 10.43 -12.16 7.03
CA THR A 211 10.65 -13.35 7.87
C THR A 211 11.62 -14.30 7.19
N ASN A 212 12.21 -15.20 8.01
CA ASN A 212 13.06 -16.29 7.54
C ASN A 212 14.26 -15.74 6.75
N GLY A 213 14.88 -14.71 7.34
CA GLY A 213 16.01 -13.99 6.74
C GLY A 213 15.77 -13.04 5.55
N GLU A 214 14.58 -12.99 4.98
CA GLU A 214 14.34 -12.14 3.78
C GLU A 214 14.58 -10.63 4.07
N SER A 215 14.44 -10.25 5.35
CA SER A 215 14.80 -8.89 5.81
C SER A 215 15.99 -8.89 6.79
N THR A 216 16.98 -8.02 6.55
CA THR A 216 18.10 -7.89 7.49
C THR A 216 17.76 -6.86 8.55
N ALA A 217 16.73 -6.07 8.26
CA ALA A 217 16.29 -4.99 9.14
C ALA A 217 16.28 -5.44 10.58
N ASP A 218 16.64 -4.51 11.45
CA ASP A 218 16.72 -4.71 12.89
C ASP A 218 15.64 -5.62 13.55
N TRP A 219 14.39 -5.15 13.57
CA TRP A 219 13.23 -5.84 14.14
C TRP A 219 12.86 -7.12 13.37
N ALA A 220 13.39 -7.34 12.16
CA ALA A 220 12.88 -8.45 11.35
C ALA A 220 13.79 -9.68 11.20
N LYS A 221 15.10 -9.46 11.32
CA LYS A 221 16.13 -10.49 11.07
C LYS A 221 15.83 -11.82 11.79
N ASN A 222 15.26 -11.75 12.99
CA ASN A 222 14.93 -12.99 13.71
C ASN A 222 13.51 -13.49 13.56
N LEU A 223 12.72 -12.91 12.67
CA LEU A 223 11.35 -13.39 12.56
C LEU A 223 11.26 -14.69 11.76
N LYS A 224 10.41 -15.60 12.25
CA LYS A 224 10.22 -16.92 11.64
C LYS A 224 8.75 -17.09 11.27
N ARG A 225 8.49 -17.51 10.03
CA ARG A 225 7.12 -17.59 9.46
C ARG A 225 6.15 -18.46 10.25
N GLU A 226 6.65 -19.64 10.62
CA GLU A 226 5.95 -20.53 11.54
C GLU A 226 5.44 -19.83 12.81
N ASP A 227 6.04 -18.70 13.18
CA ASP A 227 5.52 -17.92 14.34
C ASP A 227 4.23 -17.09 14.10
N PHE A 228 3.76 -17.14 12.85
CA PHE A 228 2.58 -16.36 12.47
C PHE A 228 1.53 -17.26 11.83
N ARG A 229 0.27 -16.85 11.95
CA ARG A 229 -0.82 -17.51 11.25
C ARG A 229 -1.72 -16.46 10.55
N LEU A 230 -2.38 -16.88 9.45
CA LEU A 230 -3.38 -16.05 8.78
C LEU A 230 -4.77 -16.32 9.36
N LEU A 231 -5.61 -15.28 9.55
CA LEU A 231 -6.99 -15.51 9.95
C LEU A 231 -7.90 -15.59 8.72
N CYS A 232 -8.57 -16.72 8.55
CA CYS A 232 -9.48 -16.91 7.44
C CYS A 232 -10.84 -16.42 7.84
N LEU A 233 -11.70 -16.22 6.86
CA LEU A 233 -13.02 -15.72 7.13
C LEU A 233 -14.02 -16.76 7.64
N ASP A 234 -13.67 -18.05 7.54
CA ASP A 234 -14.53 -19.08 8.16
C ASP A 234 -14.20 -19.31 9.65
N GLY A 235 -13.35 -18.47 10.22
CA GLY A 235 -13.11 -18.57 11.66
C GLY A 235 -11.89 -19.41 11.97
N THR A 236 -11.23 -19.95 10.94
CA THR A 236 -10.06 -20.83 11.11
C THR A 236 -8.74 -20.06 11.07
N ARG A 237 -7.64 -20.73 11.43
CA ARG A 237 -6.31 -20.15 11.34
C ARG A 237 -5.42 -21.09 10.54
N LYS A 238 -4.57 -20.52 9.66
CA LYS A 238 -3.74 -21.32 8.79
C LYS A 238 -2.28 -20.85 8.75
N PRO A 239 -1.38 -21.71 8.28
CA PRO A 239 0.01 -21.27 8.00
C PRO A 239 0.05 -20.22 6.91
N VAL A 240 1.10 -19.43 6.90
CA VAL A 240 1.12 -18.29 6.02
C VAL A 240 1.50 -18.72 4.61
N THR A 241 1.56 -20.03 4.41
CA THR A 241 1.80 -20.64 3.09
C THR A 241 0.43 -20.87 2.41
N GLU A 242 -0.65 -20.86 3.19
CA GLU A 242 -2.02 -21.00 2.68
C GLU A 242 -2.79 -19.71 2.38
N ALA A 243 -2.11 -18.61 2.09
CA ALA A 243 -2.79 -17.34 1.83
C ALA A 243 -3.82 -17.46 0.68
N GLN A 244 -3.42 -18.20 -0.35
CA GLN A 244 -4.36 -18.58 -1.43
C GLN A 244 -5.70 -19.06 -0.92
N SER A 245 -5.75 -19.75 0.23
CA SER A 245 -7.07 -20.19 0.73
C SER A 245 -7.53 -19.58 2.06
N CYS A 246 -6.78 -18.57 2.51
CA CYS A 246 -7.07 -17.86 3.76
C CYS A 246 -6.76 -16.34 3.61
N HIS A 247 -7.49 -15.64 2.77
CA HIS A 247 -7.27 -14.23 2.58
C HIS A 247 -8.57 -13.55 2.81
N LEU A 248 -8.54 -12.22 2.92
CA LEU A 248 -9.78 -11.49 3.13
C LEU A 248 -10.37 -11.04 1.78
N ALA A 249 -9.50 -10.89 0.79
CA ALA A 249 -9.94 -10.37 -0.51
C ALA A 249 -8.72 -10.37 -1.34
N VAL A 250 -8.91 -10.18 -2.65
CA VAL A 250 -7.83 -9.99 -3.61
C VAL A 250 -7.82 -8.47 -3.91
N ALA A 251 -6.66 -7.83 -3.93
CA ALA A 251 -6.68 -6.35 -4.07
C ALA A 251 -6.14 -5.90 -5.43
N PRO A 252 -6.71 -4.83 -5.99
CA PRO A 252 -6.10 -4.34 -7.22
C PRO A 252 -4.71 -3.80 -6.97
N ASN A 253 -3.80 -4.08 -7.86
CA ASN A 253 -2.44 -3.62 -7.69
C ASN A 253 -2.36 -2.07 -7.56
N HIS A 254 -1.37 -1.64 -6.77
CA HIS A 254 -0.99 -0.24 -6.71
C HIS A 254 -0.68 0.20 -8.15
N ALA A 255 -1.15 1.41 -8.50
CA ALA A 255 -0.96 1.99 -9.85
C ALA A 255 -0.54 3.47 -9.75
N VAL A 256 0.31 3.89 -10.70
CA VAL A 256 0.53 5.30 -11.03
C VAL A 256 -0.74 6.02 -11.56
N VAL A 257 -1.07 7.12 -10.89
CA VAL A 257 -2.08 7.95 -11.38
C VAL A 257 -1.54 9.29 -11.79
N SER A 258 -2.26 9.91 -12.72
CA SER A 258 -1.95 11.24 -13.14
C SER A 258 -3.21 11.93 -13.57
N ARG A 259 -3.03 13.21 -13.81
CA ARG A 259 -4.05 13.94 -14.52
C ARG A 259 -4.21 13.35 -15.93
N SER A 260 -5.47 13.20 -16.33
CA SER A 260 -5.79 12.61 -17.62
C SER A 260 -5.07 13.36 -18.74
N ASP A 261 -4.97 14.67 -18.62
CA ASP A 261 -4.34 15.52 -19.64
C ASP A 261 -2.83 15.37 -19.65
N ARG A 262 -2.29 14.64 -18.68
CA ARG A 262 -0.85 14.43 -18.59
C ARG A 262 -0.47 12.94 -18.73
N ALA A 263 -1.51 12.11 -18.71
CA ALA A 263 -1.37 10.65 -18.60
C ALA A 263 -0.43 10.07 -19.65
N ALA A 264 -0.54 10.56 -20.89
CA ALA A 264 0.27 10.04 -21.96
C ALA A 264 1.71 10.41 -21.83
N HIS A 265 2.05 11.65 -21.43
CA HIS A 265 3.47 12.08 -21.24
C HIS A 265 4.10 11.26 -20.08
N VAL A 266 3.31 11.09 -19.01
CA VAL A 266 3.73 10.36 -17.82
C VAL A 266 4.01 8.93 -18.21
N GLU A 267 3.08 8.29 -18.91
CA GLU A 267 3.30 6.90 -19.42
C GLU A 267 4.62 6.75 -20.17
N GLN A 268 4.85 7.56 -21.21
CA GLN A 268 6.12 7.46 -21.98
C GLN A 268 7.40 7.60 -21.11
N VAL A 269 7.41 8.61 -20.25
CA VAL A 269 8.59 8.90 -19.46
C VAL A 269 8.83 7.75 -18.50
N LEU A 270 7.78 7.22 -17.91
CA LEU A 270 7.95 6.12 -16.98
C LEU A 270 8.41 4.83 -17.60
N LEU A 271 7.86 4.50 -18.77
CA LEU A 271 8.40 3.36 -19.55
C LEU A 271 9.92 3.49 -19.77
N HIS A 272 10.33 4.68 -20.18
CA HIS A 272 11.74 5.06 -20.40
C HIS A 272 12.54 5.02 -19.10
N GLN A 273 12.02 5.64 -18.04
CA GLN A 273 12.67 5.54 -16.74
C GLN A 273 12.83 4.12 -16.25
N GLN A 274 11.87 3.25 -16.51
CA GLN A 274 11.99 1.86 -16.08
C GLN A 274 13.06 1.02 -16.76
N ALA A 275 13.15 1.18 -18.07
CA ALA A 275 14.24 0.62 -18.86
C ALA A 275 15.59 1.07 -18.31
N LEU A 276 15.66 2.27 -17.74
CA LEU A 276 16.89 2.73 -17.11
C LEU A 276 17.08 2.16 -15.68
N PHE A 277 16.06 2.24 -14.82
CA PHE A 277 16.23 1.89 -13.37
C PHE A 277 15.37 0.80 -12.74
N GLY A 278 14.70 -0.01 -13.55
CA GLY A 278 13.93 -1.13 -13.00
C GLY A 278 14.76 -2.39 -12.86
N LYS A 279 14.07 -3.54 -12.75
CA LYS A 279 14.70 -4.86 -12.49
C LYS A 279 16.02 -5.18 -13.20
N ASN A 280 15.97 -5.27 -14.54
CA ASN A 280 17.16 -5.63 -15.33
C ASN A 280 17.75 -4.41 -16.04
N GLY A 281 17.47 -3.25 -15.48
CA GLY A 281 17.70 -1.97 -16.11
C GLY A 281 19.15 -1.62 -16.26
N LYS A 282 19.40 -0.82 -17.30
CA LYS A 282 20.74 -0.42 -17.68
C LYS A 282 21.52 0.10 -16.49
N ASN A 283 20.90 0.96 -15.69
CA ASN A 283 21.61 1.63 -14.59
C ASN A 283 21.35 1.10 -13.15
N CYS A 284 20.45 0.11 -13.04
CA CYS A 284 20.26 -0.68 -11.80
C CYS A 284 21.03 -2.02 -11.90
N PRO A 285 21.85 -2.40 -10.88
CA PRO A 285 22.01 -1.90 -9.52
C PRO A 285 23.20 -0.98 -9.40
N ASP A 286 23.57 -0.35 -10.51
CA ASP A 286 24.86 0.27 -10.63
C ASP A 286 24.83 1.66 -10.06
N LYS A 287 23.87 2.43 -10.51
CA LYS A 287 23.70 3.77 -10.03
C LYS A 287 22.41 3.90 -9.21
N PHE A 288 21.37 3.16 -9.60
CA PHE A 288 20.09 3.41 -8.98
C PHE A 288 18.97 2.45 -9.38
N CYS A 289 18.32 1.90 -8.38
CA CYS A 289 17.15 1.03 -8.57
C CYS A 289 15.87 1.70 -8.08
N LEU A 290 15.00 2.07 -9.03
CA LEU A 290 13.63 2.57 -8.78
C LEU A 290 12.79 1.68 -7.86
N PHE A 291 13.02 0.37 -7.94
CA PHE A 291 12.17 -0.56 -7.24
C PHE A 291 12.75 -1.10 -5.92
N LYS A 292 13.84 -0.52 -5.46
CA LYS A 292 14.35 -0.89 -4.14
C LYS A 292 14.46 0.31 -3.21
N SER A 293 14.17 0.06 -1.95
CA SER A 293 14.35 1.01 -0.85
C SER A 293 14.55 0.27 0.50
N GLU A 294 15.43 -0.73 0.50
CA GLU A 294 15.62 -1.58 1.68
C GLU A 294 14.29 -1.91 2.40
N THR A 295 13.29 -2.44 1.71
CA THR A 295 11.98 -2.88 2.33
C THR A 295 11.06 -1.79 2.95
N LYS A 296 11.46 -0.53 2.80
CA LYS A 296 10.65 0.60 3.18
C LYS A 296 9.55 0.86 2.15
N ASN A 297 9.69 0.29 0.95
CA ASN A 297 8.60 0.44 -0.06
C ASN A 297 8.42 1.93 -0.38
N LEU A 298 9.51 2.59 -0.74
CA LEU A 298 9.52 4.03 -0.98
C LEU A 298 9.20 4.28 -2.48
N LEU A 299 8.15 5.04 -2.78
CA LEU A 299 7.70 5.34 -4.17
C LEU A 299 7.18 4.22 -5.07
N PHE A 300 7.56 2.99 -4.73
CA PHE A 300 6.99 1.79 -5.36
C PHE A 300 7.21 0.68 -4.36
N ASN A 301 6.35 -0.34 -4.32
CA ASN A 301 6.70 -1.55 -3.53
C ASN A 301 8.01 -2.19 -3.95
N ASP A 302 8.82 -2.60 -2.95
CA ASP A 302 10.14 -3.22 -3.30
C ASP A 302 10.00 -4.53 -4.06
N ASN A 303 8.87 -5.21 -3.95
CA ASN A 303 8.72 -6.42 -4.76
C ASN A 303 8.26 -6.12 -6.23
N THR A 304 8.34 -4.87 -6.72
CA THR A 304 7.81 -4.55 -8.02
C THR A 304 8.79 -4.99 -9.06
N GLU A 305 8.33 -5.85 -9.97
CA GLU A 305 9.11 -6.22 -11.15
C GLU A 305 9.12 -5.14 -12.22
N CYS A 306 7.95 -4.64 -12.58
CA CYS A 306 7.91 -3.56 -13.55
C CYS A 306 6.57 -2.86 -13.43
N LEU A 307 6.51 -1.70 -14.03
CA LEU A 307 5.25 -1.01 -14.21
C LEU A 307 4.70 -1.50 -15.56
N ALA A 308 3.46 -1.94 -15.54
CA ALA A 308 2.86 -2.58 -16.71
C ALA A 308 1.75 -1.74 -17.29
N LYS A 309 1.74 -1.65 -18.63
CA LYS A 309 0.65 -1.01 -19.40
C LYS A 309 -0.62 -1.67 -19.00
N LEU A 310 -1.70 -0.89 -19.03
CA LEU A 310 -3.03 -1.35 -18.66
C LEU A 310 -3.87 -1.77 -19.88
N GLY A 311 -4.68 -2.80 -19.75
CA GLY A 311 -5.46 -3.30 -20.87
C GLY A 311 -6.78 -2.58 -20.86
N GLY A 312 -7.13 -2.03 -22.03
CA GLY A 312 -8.44 -1.43 -22.21
C GLY A 312 -8.54 0.04 -21.87
N ARG A 313 -7.42 0.77 -21.78
CA ARG A 313 -7.48 2.16 -21.28
C ARG A 313 -8.61 2.29 -20.19
N PRO A 314 -8.40 1.73 -18.95
CA PRO A 314 -9.54 1.63 -17.98
C PRO A 314 -9.95 2.93 -17.27
N THR A 315 -11.23 3.10 -16.90
CA THR A 315 -11.46 4.18 -15.99
C THR A 315 -10.85 3.74 -14.61
N TYR A 316 -10.96 4.60 -13.60
CA TYR A 316 -10.55 4.19 -12.30
C TYR A 316 -11.53 3.13 -11.73
N GLU A 317 -12.81 3.23 -12.07
CA GLU A 317 -13.77 2.24 -11.62
C GLU A 317 -13.47 0.89 -12.24
N GLU A 318 -13.11 0.91 -13.51
CA GLU A 318 -12.82 -0.32 -14.15
C GLU A 318 -11.51 -0.90 -13.63
N TYR A 319 -10.52 -0.04 -13.40
CA TYR A 319 -9.26 -0.52 -12.88
C TYR A 319 -9.48 -1.25 -11.53
N LEU A 320 -10.25 -0.64 -10.66
CA LEU A 320 -10.43 -1.17 -9.31
C LEU A 320 -11.36 -2.39 -9.33
N GLY A 321 -12.16 -2.47 -10.40
CA GLY A 321 -13.20 -3.46 -10.49
C GLY A 321 -14.39 -3.04 -9.68
N THR A 322 -15.55 -3.46 -10.17
CA THR A 322 -16.85 -3.10 -9.65
C THR A 322 -17.16 -3.71 -8.26
N GLU A 323 -16.55 -4.83 -7.90
CA GLU A 323 -16.74 -5.37 -6.55
C GLU A 323 -16.12 -4.39 -5.53
N TYR A 324 -14.84 -4.11 -5.73
CA TYR A 324 -14.08 -3.24 -4.82
C TYR A 324 -14.69 -1.86 -4.69
N VAL A 325 -15.19 -1.32 -5.81
CA VAL A 325 -15.83 0.00 -5.85
C VAL A 325 -17.09 0.09 -4.97
N THR A 326 -17.87 -0.97 -4.93
CA THR A 326 -19.10 -0.93 -4.09
C THR A 326 -18.76 -1.03 -2.62
N ALA A 327 -17.96 -2.04 -2.30
CA ALA A 327 -17.42 -2.24 -0.95
C ALA A 327 -16.97 -0.87 -0.38
N ILE A 328 -16.11 -0.15 -1.13
CA ILE A 328 -15.72 1.22 -0.72
C ILE A 328 -16.89 2.20 -0.61
N ALA A 329 -17.83 2.19 -1.57
CA ALA A 329 -19.02 3.05 -1.44
C ALA A 329 -19.77 2.76 -0.12
N ASN A 330 -20.16 1.48 0.05
CA ASN A 330 -20.75 0.96 1.29
C ASN A 330 -20.04 1.40 2.56
N LEU A 331 -18.72 1.20 2.63
CA LEU A 331 -17.96 1.61 3.80
C LEU A 331 -18.05 3.13 4.06
N LYS A 332 -18.02 3.93 3.00
CA LYS A 332 -17.99 5.38 3.14
C LYS A 332 -19.34 5.97 3.60
N LYS A 333 -20.39 5.14 3.59
CA LYS A 333 -21.65 5.46 4.24
C LYS A 333 -21.45 5.84 5.72
N CYS A 334 -20.60 5.10 6.41
CA CYS A 334 -20.25 5.37 7.81
C CYS A 334 -19.60 6.74 8.04
N SER A 335 -19.45 7.50 6.95
CA SER A 335 -18.66 8.74 6.93
C SER A 335 -19.33 9.84 6.07
N LEU A 340 -20.49 8.73 -3.00
CA LEU A 340 -21.43 8.74 -4.10
C LEU A 340 -20.84 9.50 -5.30
N GLU A 341 -21.02 10.82 -5.31
CA GLU A 341 -20.71 11.64 -6.49
C GLU A 341 -19.92 12.91 -6.21
N ALA A 342 -18.93 12.81 -5.31
CA ALA A 342 -18.11 13.97 -5.00
C ALA A 342 -16.64 13.66 -4.77
N CYS A 343 -15.82 14.38 -5.53
CA CYS A 343 -14.42 14.60 -5.17
C CYS A 343 -14.33 15.29 -3.80
N ALA A 344 -13.43 14.77 -2.97
CA ALA A 344 -13.23 15.16 -1.58
C ALA A 344 -12.58 16.55 -1.40
N PHE A 345 -12.00 17.06 -2.50
CA PHE A 345 -11.27 18.34 -2.50
C PHE A 345 -11.87 19.38 -3.46
C1 NAG B . 2.51 -14.81 -1.13
C2 NAG B . 2.45 -15.72 -2.38
C3 NAG B . 3.74 -16.53 -2.54
C4 NAG B . 4.98 -15.62 -2.52
C5 NAG B . 4.97 -14.75 -1.24
C6 NAG B . 6.09 -13.71 -1.21
C7 NAG B . 0.15 -16.51 -2.83
C8 NAG B . -0.80 -17.63 -2.52
N2 NAG B . 1.34 -16.65 -2.27
O3 NAG B . 3.73 -17.24 -3.77
O4 NAG B . 6.18 -16.38 -2.64
O5 NAG B . 3.73 -14.07 -1.08
O6 NAG B . 5.92 -12.83 -2.28
O7 NAG B . -0.19 -15.56 -3.54
C1 NAG B . 7.02 -15.82 -3.67
C2 NAG B . 8.48 -16.23 -3.41
C3 NAG B . 9.29 -16.26 -4.70
C4 NAG B . 8.55 -17.18 -5.67
C5 NAG B . 7.33 -16.36 -6.10
C6 NAG B . 6.47 -17.00 -7.19
C7 NAG B . 9.72 -15.70 -1.34
C8 NAG B . 10.36 -14.61 -0.53
N2 NAG B . 9.14 -15.31 -2.50
O3 NAG B . 10.60 -16.66 -4.43
O4 NAG B . 9.37 -17.62 -6.75
O5 NAG B . 6.49 -16.14 -4.96
O6 NAG B . 5.13 -16.55 -7.07
O7 NAG B . 9.73 -16.86 -0.93
ZN ZN C . -13.45 0.91 -20.42
FE FE D . -2.24 -1.73 -0.89
C CO3 E . -2.79 -1.49 1.69
O1 CO3 E . -3.49 -2.20 0.85
O2 CO3 E . -1.77 -0.82 1.24
O3 CO3 E . -3.19 -1.53 2.92
S SO4 F . -2.85 -22.55 15.30
O1 SO4 F . -1.51 -23.07 15.52
O2 SO4 F . -3.86 -23.42 15.90
O3 SO4 F . -2.92 -21.24 15.96
O4 SO4 F . -3.08 -22.45 13.86
C1 NAG G . 15.65 13.20 -22.79
C2 NAG G . 16.78 12.39 -22.16
C3 NAG G . 17.12 11.16 -23.01
C4 NAG G . 16.26 10.93 -24.29
C5 NAG G . 14.87 11.59 -24.28
C6 NAG G . 13.75 10.58 -24.57
C7 NAG G . 18.45 13.31 -20.65
C8 NAG G . 19.65 14.20 -20.49
N2 NAG G . 17.94 13.22 -21.88
O3 NAG G . 16.96 10.04 -22.16
O4 NAG G . 16.92 11.40 -25.44
O5 NAG G . 14.62 12.29 -23.08
O6 NAG G . 12.91 10.40 -23.44
O7 NAG G . 17.99 12.70 -19.69
C1 NAG H . -20.85 -4.87 2.63
C2 NAG H . -19.95 -5.53 1.57
C3 NAG H . -20.39 -5.19 0.14
C4 NAG H . -21.91 -5.38 -0.10
C5 NAG H . -22.69 -4.70 1.04
C6 NAG H . -24.20 -4.99 1.01
C7 NAG H . -17.52 -5.79 2.00
C8 NAG H . -16.21 -5.07 2.18
N2 NAG H . -18.60 -5.04 1.79
O3 NAG H . -19.62 -5.92 -0.81
O4 NAG H . -22.28 -4.80 -1.36
O5 NAG H . -22.23 -5.01 2.35
O6 NAG H . -24.38 -6.37 0.80
O7 NAG H . -17.53 -7.02 2.04
CAL PFN I . -11.82 10.70 2.96
CAJ PFN I . -12.23 11.50 1.93
CAP PFN I . -11.29 12.18 1.17
CAI PFN I . -9.95 12.08 1.46
CAK PFN I . -9.54 11.28 2.50
CAR PFN I . -10.47 10.60 3.25
OAN PFN I . -10.13 9.81 4.29
CAO PFN I . -14.13 11.23 8.18
OAB PFN I . -13.26 10.82 8.96
OAA PFN I . -15.25 11.60 8.57
CAM PFN I . -15.00 11.42 5.77
CAH PFN I . -11.51 8.09 5.31
CAF PFN I . -12.63 7.78 6.07
C2 PFN I . -11.19 9.41 5.03
CAD PFN I . -13.41 8.81 6.53
C13 PFN I . -13.81 11.30 6.70
CAE PFN I . -13.06 10.13 6.27
CAG PFN I . -11.97 10.41 5.50
ZN ZN J . -10.57 -15.09 -2.76
#